data_3FVH
#
_entry.id   3FVH
#
_cell.length_a   38.310
_cell.length_b   62.412
_cell.length_c   46.607
_cell.angle_alpha   90.00
_cell.angle_beta   94.07
_cell.angle_gamma   90.00
#
_symmetry.space_group_name_H-M   'P 1 21 1'
#
loop_
_entity.id
_entity.type
_entity.pdbx_description
1 polymer 'Serine/threonine-protein kinase PLK1'
2 polymer 'Acetyl-Leu-His-Ser-phosphoThr-Ala-NH2 peptide'
3 water water
#
loop_
_entity_poly.entity_id
_entity_poly.type
_entity_poly.pdbx_seq_one_letter_code
_entity_poly.pdbx_strand_id
1 'polypeptide(L)'
;GAHMDCHLSDMLQQLHSVNASKPSERGLVRQEEAEDPACIPIFWVSKWVDYSDKYGLGYQLCDNSVGVLFNDSTRLILYN
DGDSLQYIERDGTESYLTVSSHPNSLMKKITLLKYFRNYMSEHLLKAGANITPREGDELARLPYLRTWFRTRSAIILHLS
NGSVQINFFQDHTKLILCPLMAAVTYIDEKRDFRTYRLSLLEEYGCCKELASRLRYARTMVDKLLSSRSASNRLKAS
;
A
2 'polypeptide(L)' (ACE)LHS(TPO)A(NH2) B
#
loop_
_chem_comp.id
_chem_comp.type
_chem_comp.name
_chem_comp.formula
ACE non-polymer 'ACETYL GROUP' 'C2 H4 O'
NH2 non-polymer 'AMINO GROUP' 'H2 N'
#
# COMPACT_ATOMS: atom_id res chain seq x y z
N ASP A 5 17.12 -11.50 -0.19
CA ASP A 5 16.42 -10.61 0.73
C ASP A 5 15.91 -9.35 0.05
N CYS A 6 14.80 -8.81 0.59
CA CYS A 6 14.08 -7.70 0.01
C CYS A 6 13.26 -6.96 1.09
N HIS A 7 12.49 -5.97 0.66
CA HIS A 7 11.62 -5.23 1.56
C HIS A 7 10.70 -6.21 2.31
N LEU A 8 10.16 -7.18 1.58
CA LEU A 8 9.19 -8.12 2.16
C LEU A 8 9.80 -9.04 3.21
N SER A 9 11.00 -9.59 2.98
CA SER A 9 11.60 -10.45 4.00
C SER A 9 11.97 -9.66 5.26
N ASP A 10 12.36 -8.40 5.10
CA ASP A 10 12.58 -7.54 6.26
C ASP A 10 11.27 -7.33 7.01
N MET A 11 10.19 -7.07 6.29
CA MET A 11 8.89 -6.86 6.94
C MET A 11 8.47 -8.12 7.69
N LEU A 12 8.67 -9.27 7.09
CA LEU A 12 8.29 -10.54 7.72
C LEU A 12 9.08 -10.73 8.99
N GLN A 13 10.37 -10.42 8.97
CA GLN A 13 11.17 -10.52 10.19
C GLN A 13 10.62 -9.63 11.29
N GLN A 14 10.26 -8.41 10.92
CA GLN A 14 9.76 -7.44 11.88
C GLN A 14 8.45 -7.92 12.52
N LEU A 15 7.59 -8.54 11.72
CA LEU A 15 6.27 -8.93 12.18
C LEU A 15 6.40 -10.20 13.00
N HIS A 16 7.25 -11.11 12.53
CA HIS A 16 7.49 -12.34 13.27
C HIS A 16 7.95 -12.03 14.71
N SER A 17 8.85 -11.07 14.86
CA SER A 17 9.41 -10.74 16.17
C SER A 17 8.34 -10.12 17.08
N VAL A 18 7.58 -9.16 16.59
CA VAL A 18 6.53 -8.61 17.43
C VAL A 18 5.45 -9.68 17.76
N ASN A 19 5.06 -10.48 16.78
CA ASN A 19 3.98 -11.43 16.99
C ASN A 19 4.40 -12.54 17.95
N ALA A 20 5.64 -13.00 17.82
CA ALA A 20 6.14 -14.06 18.70
C ALA A 20 6.07 -13.62 20.15
N SER A 21 6.25 -12.32 20.38
CA SER A 21 6.26 -11.78 21.74
C SER A 21 4.88 -11.65 22.40
N LYS A 22 3.82 -12.04 21.68
CA LYS A 22 2.46 -11.98 22.23
C LYS A 22 2.14 -10.63 22.91
N PRO A 23 2.08 -9.57 22.12
CA PRO A 23 2.02 -8.21 22.68
C PRO A 23 0.76 -7.89 23.51
N SER A 24 -0.33 -8.58 23.26
CA SER A 24 -1.55 -8.28 24.02
C SER A 24 -1.55 -8.95 25.39
N GLU A 25 -0.54 -9.76 25.65
CA GLU A 25 -0.47 -10.51 26.90
C GLU A 25 0.57 -9.95 27.87
N ARG A 26 1.09 -8.77 27.59
CA ARG A 26 2.11 -8.18 28.46
C ARG A 26 1.50 -7.81 29.83
N GLY A 27 2.32 -7.89 30.88
CA GLY A 27 1.84 -7.65 32.23
C GLY A 27 1.10 -6.34 32.36
N LEU A 28 1.68 -5.31 31.76
CA LEU A 28 1.02 -4.04 31.65
C LEU A 28 1.22 -3.61 30.21
N VAL A 29 0.19 -3.79 29.40
CA VAL A 29 0.23 -3.27 28.02
C VAL A 29 0.30 -1.76 28.04
N ARG A 30 1.37 -1.23 27.43
CA ARG A 30 1.58 0.20 27.35
C ARG A 30 1.61 0.64 25.90
N GLN A 31 0.50 0.41 25.21
CA GLN A 31 0.41 0.60 23.74
C GLN A 31 0.79 2.01 23.33
N GLU A 32 0.38 2.97 24.14
CA GLU A 32 0.60 4.38 23.86
C GLU A 32 2.08 4.75 23.85
N GLU A 33 2.90 3.97 24.54
CA GLU A 33 4.33 4.24 24.61
C GLU A 33 5.01 3.83 23.31
N ALA A 34 4.30 3.04 22.51
CA ALA A 34 4.86 2.48 21.28
C ALA A 34 4.55 3.39 20.10
N GLU A 35 3.72 4.40 20.33
CA GLU A 35 3.35 5.34 19.28
C GLU A 35 4.56 6.12 18.87
N ASP A 36 4.69 6.33 17.56
CA ASP A 36 5.72 7.18 16.99
C ASP A 36 5.12 7.88 15.78
N PRO A 37 4.35 8.94 16.03
CA PRO A 37 3.69 9.64 14.92
C PRO A 37 4.66 10.25 13.91
N ALA A 38 5.94 10.40 14.28
CA ALA A 38 6.93 10.95 13.36
C ALA A 38 7.11 10.02 12.18
N CYS A 39 6.88 8.74 12.40
CA CYS A 39 7.13 7.72 11.36
C CYS A 39 5.92 7.46 10.49
N ILE A 40 4.93 8.35 10.54
CA ILE A 40 3.76 8.25 9.64
C ILE A 40 4.28 8.09 8.20
N PRO A 41 3.54 7.38 7.37
CA PRO A 41 4.09 7.20 6.02
C PRO A 41 4.05 8.46 5.18
N ILE A 42 4.83 8.40 4.09
CA ILE A 42 4.84 9.43 3.06
C ILE A 42 3.72 9.14 2.10
N PHE A 43 3.47 7.85 1.85
CA PHE A 43 2.48 7.45 0.85
C PHE A 43 1.61 6.33 1.38
N TRP A 44 0.35 6.33 0.97
CA TRP A 44 -0.51 5.18 1.09
C TRP A 44 -1.56 5.26 0.01
N VAL A 45 -2.31 4.19 -0.16
CA VAL A 45 -3.39 4.12 -1.14
C VAL A 45 -4.65 4.69 -0.49
N SER A 46 -5.12 5.82 -1.05
CA SER A 46 -6.32 6.51 -0.56
C SER A 46 -7.62 6.06 -1.24
N LYS A 47 -7.54 5.52 -2.45
CA LYS A 47 -8.71 5.05 -3.23
C LYS A 47 -8.27 3.93 -4.14
N TRP A 48 -9.17 2.99 -4.45
CA TRP A 48 -8.85 1.95 -5.45
C TRP A 48 -10.14 1.47 -6.12
N VAL A 49 -9.94 0.92 -7.30
CA VAL A 49 -10.99 0.34 -8.16
C VAL A 49 -10.46 -0.93 -8.81
N ASP A 50 -11.14 -2.04 -8.56
CA ASP A 50 -10.76 -3.36 -9.07
C ASP A 50 -11.52 -3.62 -10.34
N TYR A 51 -10.89 -3.25 -11.44
CA TYR A 51 -11.40 -3.53 -12.79
C TYR A 51 -10.62 -4.68 -13.40
N SER A 52 -10.25 -5.67 -12.57
CA SER A 52 -9.30 -6.71 -12.97
C SER A 52 -9.89 -7.74 -13.93
N ASP A 53 -11.20 -7.75 -14.05
CA ASP A 53 -11.87 -8.67 -14.93
C ASP A 53 -11.38 -8.45 -16.36
N LYS A 54 -11.21 -7.17 -16.71
CA LYS A 54 -11.00 -6.71 -18.08
C LYS A 54 -9.73 -5.88 -18.25
N TYR A 55 -9.41 -5.02 -17.29
CA TYR A 55 -8.38 -4.02 -17.51
C TYR A 55 -7.20 -3.98 -16.52
N GLY A 56 -7.51 -3.96 -15.23
CA GLY A 56 -6.48 -3.78 -14.20
C GLY A 56 -7.02 -3.19 -12.90
N LEU A 57 -6.07 -2.84 -12.03
CA LEU A 57 -6.33 -2.25 -10.74
C LEU A 57 -5.92 -0.79 -10.78
N GLY A 58 -6.90 0.10 -10.60
CA GLY A 58 -6.60 1.53 -10.57
C GLY A 58 -6.58 2.02 -9.14
N TYR A 59 -5.75 3.02 -8.86
CA TYR A 59 -5.66 3.50 -7.49
C TYR A 59 -5.26 4.96 -7.41
N GLN A 60 -5.60 5.59 -6.30
CA GLN A 60 -5.12 6.94 -5.94
C GLN A 60 -4.19 6.82 -4.75
N LEU A 61 -3.07 7.53 -4.79
CA LEU A 61 -2.21 7.64 -3.61
C LEU A 61 -2.60 8.93 -2.88
N CYS A 62 -2.15 9.08 -1.64
CA CYS A 62 -2.63 10.15 -0.77
C CYS A 62 -2.18 11.52 -1.24
N ASP A 63 -1.21 11.59 -2.14
CA ASP A 63 -0.78 12.90 -2.69
C ASP A 63 -1.60 13.30 -3.91
N ASN A 64 -2.70 12.57 -4.14
CA ASN A 64 -3.58 12.76 -5.30
C ASN A 64 -3.03 12.32 -6.66
N SER A 65 -1.85 11.71 -6.68
CA SER A 65 -1.45 10.98 -7.89
C SER A 65 -2.34 9.76 -8.08
N VAL A 66 -2.37 9.24 -9.29
CA VAL A 66 -3.15 8.06 -9.59
C VAL A 66 -2.26 7.10 -10.34
N GLY A 67 -2.61 5.83 -10.33
CA GLY A 67 -1.92 4.87 -11.14
C GLY A 67 -2.80 3.68 -11.45
N VAL A 68 -2.27 2.86 -12.34
CA VAL A 68 -2.92 1.63 -12.75
C VAL A 68 -1.85 0.55 -12.90
N LEU A 69 -2.18 -0.64 -12.42
CA LEU A 69 -1.41 -1.85 -12.73
C LEU A 69 -2.32 -2.60 -13.69
N PHE A 70 -2.00 -2.57 -14.96
CA PHE A 70 -2.80 -3.27 -15.97
C PHE A 70 -2.66 -4.79 -15.94
N ASN A 71 -3.64 -5.49 -16.51
CA ASN A 71 -3.57 -6.95 -16.50
C ASN A 71 -2.36 -7.51 -17.25
N ASP A 72 -1.84 -6.76 -18.22
CA ASP A 72 -0.65 -7.20 -18.98
C ASP A 72 0.65 -6.86 -18.27
N SER A 73 0.51 -6.46 -17.01
CA SER A 73 1.65 -6.25 -16.12
C SER A 73 2.43 -4.99 -16.44
N THR A 74 1.85 -4.09 -17.25
CA THR A 74 2.43 -2.77 -17.46
C THR A 74 1.77 -1.82 -16.45
N ARG A 75 2.38 -0.68 -16.26
CA ARG A 75 1.86 0.31 -15.34
C ARG A 75 1.86 1.71 -15.93
N LEU A 76 0.90 2.52 -15.51
CA LEU A 76 0.86 3.91 -15.90
C LEU A 76 0.59 4.71 -14.65
N ILE A 77 1.37 5.75 -14.43
CA ILE A 77 1.23 6.61 -13.27
C ILE A 77 1.03 8.02 -13.70
N LEU A 78 0.10 8.70 -13.07
CA LEU A 78 -0.16 10.11 -13.34
C LEU A 78 0.08 10.95 -12.09
N TYR A 79 1.04 11.86 -12.19
CA TYR A 79 1.40 12.67 -11.06
C TYR A 79 0.30 13.62 -10.64
N ASN A 80 0.44 14.15 -9.44
CA ASN A 80 -0.62 15.01 -8.92
C ASN A 80 -0.64 16.39 -9.63
N ASP A 81 0.30 16.59 -10.56
CA ASP A 81 0.25 17.79 -11.43
C ASP A 81 -0.82 17.62 -12.52
N GLY A 82 -1.36 16.41 -12.63
CA GLY A 82 -2.44 16.15 -13.55
C GLY A 82 -1.99 16.00 -15.01
N ASP A 83 -0.69 16.04 -15.23
CA ASP A 83 -0.20 16.01 -16.60
C ASP A 83 0.99 15.08 -16.86
N SER A 84 1.91 14.95 -15.90
CA SER A 84 3.06 14.10 -16.09
C SER A 84 2.70 12.62 -15.91
N LEU A 85 3.12 11.83 -16.88
CA LEU A 85 2.85 10.42 -16.96
C LEU A 85 4.15 9.65 -16.89
N GLN A 86 4.15 8.56 -16.13
CA GLN A 86 5.22 7.61 -16.18
C GLN A 86 4.65 6.27 -16.60
N TYR A 87 5.20 5.68 -17.66
CA TYR A 87 4.78 4.40 -18.16
C TYR A 87 5.88 3.40 -17.89
N ILE A 88 5.52 2.24 -17.36
CA ILE A 88 6.49 1.18 -17.11
C ILE A 88 6.12 -0.09 -17.89
N GLU A 89 6.97 -0.49 -18.85
CA GLU A 89 6.88 -1.79 -19.55
C GLU A 89 7.08 -3.02 -18.65
N ARG A 90 6.59 -4.17 -19.09
CA ARG A 90 6.70 -5.43 -18.35
C ARG A 90 8.10 -5.67 -17.80
N ASP A 91 9.09 -5.32 -18.60
CA ASP A 91 10.52 -5.49 -18.28
C ASP A 91 11.13 -4.28 -17.58
N GLY A 92 10.31 -3.37 -17.09
CA GLY A 92 10.78 -2.34 -16.18
C GLY A 92 11.15 -0.98 -16.72
N THR A 93 11.35 -0.82 -18.03
CA THR A 93 11.76 0.50 -18.53
C THR A 93 10.68 1.55 -18.27
N GLU A 94 11.08 2.67 -17.65
CA GLU A 94 10.21 3.80 -17.44
C GLU A 94 10.35 4.78 -18.59
N SER A 95 9.22 5.23 -19.11
CA SER A 95 9.20 6.30 -20.09
C SER A 95 8.40 7.43 -19.50
N TYR A 96 8.81 8.64 -19.80
CA TYR A 96 8.22 9.81 -19.23
C TYR A 96 7.48 10.56 -20.31
N LEU A 97 6.16 10.61 -20.15
CA LEU A 97 5.27 11.16 -21.19
C LEU A 97 4.35 12.16 -20.53
N THR A 98 3.41 12.74 -21.28
CA THR A 98 2.49 13.70 -20.68
C THR A 98 1.12 13.50 -21.32
N VAL A 99 0.09 13.97 -20.64
CA VAL A 99 -1.28 13.73 -21.05
C VAL A 99 -1.48 14.44 -22.37
N SER A 100 -0.80 15.56 -22.51
CA SER A 100 -0.94 16.37 -23.74
C SER A 100 -0.05 15.90 -24.91
N SER A 101 1.08 15.28 -24.60
CA SER A 101 1.97 14.78 -25.65
C SER A 101 2.48 13.40 -25.29
N HIS A 102 1.98 12.43 -26.02
CA HIS A 102 2.31 11.05 -25.75
C HIS A 102 2.06 10.27 -27.02
N PRO A 103 2.67 9.09 -27.13
CA PRO A 103 2.47 8.20 -28.28
C PRO A 103 1.01 7.73 -28.40
N ASN A 104 0.49 7.73 -29.62
CA ASN A 104 -0.87 7.29 -29.81
C ASN A 104 -1.06 5.83 -29.43
N SER A 105 0.03 5.09 -29.35
CA SER A 105 -0.02 3.68 -28.95
C SER A 105 -0.56 3.51 -27.53
N LEU A 106 -0.49 4.59 -26.77
CA LEU A 106 -0.89 4.53 -25.35
C LEU A 106 -2.22 5.17 -25.14
N MET A 107 -2.90 5.55 -26.23
CA MET A 107 -4.22 6.14 -26.12
C MET A 107 -5.20 5.34 -25.26
N LYS A 108 -5.32 4.06 -25.56
CA LYS A 108 -6.27 3.22 -24.87
C LYS A 108 -5.97 3.20 -23.36
N LYS A 109 -4.70 3.05 -23.02
CA LYS A 109 -4.33 2.96 -21.61
C LYS A 109 -4.46 4.28 -20.88
N ILE A 110 -4.18 5.37 -21.58
CA ILE A 110 -4.24 6.67 -20.95
C ILE A 110 -5.70 7.03 -20.71
N THR A 111 -6.54 6.63 -21.65
CA THR A 111 -7.98 6.77 -21.56
C THR A 111 -8.52 5.94 -20.38
N LEU A 112 -8.00 4.73 -20.21
CA LEU A 112 -8.37 3.93 -19.04
C LEU A 112 -7.95 4.62 -17.73
N LEU A 113 -6.75 5.18 -17.71
CA LEU A 113 -6.32 5.85 -16.49
C LEU A 113 -7.22 7.05 -16.18
N LYS A 114 -7.62 7.78 -17.21
CA LYS A 114 -8.52 8.91 -17.00
C LYS A 114 -9.88 8.44 -16.46
N TYR A 115 -10.36 7.29 -16.93
CA TYR A 115 -11.59 6.72 -16.47
C TYR A 115 -11.47 6.43 -14.95
N PHE A 116 -10.39 5.79 -14.55
CA PHE A 116 -10.20 5.48 -13.14
C PHE A 116 -10.14 6.80 -12.36
N ARG A 117 -9.37 7.76 -12.87
CA ARG A 117 -9.16 9.01 -12.16
C ARG A 117 -10.52 9.66 -11.92
N ASN A 118 -11.31 9.76 -12.98
CA ASN A 118 -12.55 10.45 -12.90
C ASN A 118 -13.56 9.68 -12.01
N TYR A 119 -13.59 8.35 -12.09
CA TYR A 119 -14.47 7.51 -11.27
C TYR A 119 -14.16 7.68 -9.79
N MET A 120 -12.88 7.62 -9.45
CA MET A 120 -12.46 7.74 -8.07
C MET A 120 -12.81 9.13 -7.53
N SER A 121 -12.63 10.15 -8.36
CA SER A 121 -12.92 11.51 -7.94
C SER A 121 -14.42 11.73 -7.71
N GLU A 122 -15.24 11.15 -8.59
CA GLU A 122 -16.68 11.29 -8.44
C GLU A 122 -17.24 10.52 -7.26
N HIS A 123 -16.74 9.30 -7.02
CA HIS A 123 -17.46 8.36 -6.15
C HIS A 123 -16.80 7.95 -4.84
N LEU A 124 -15.48 8.08 -4.73
CA LEU A 124 -14.81 7.42 -3.59
C LEU A 124 -14.21 8.37 -2.57
N LEU A 125 -14.34 7.99 -1.30
CA LEU A 125 -13.70 8.73 -0.23
C LEU A 125 -12.20 8.58 -0.27
N LYS A 126 -11.52 9.56 0.29
CA LYS A 126 -10.10 9.50 0.42
C LYS A 126 -9.65 8.91 1.77
N ALA A 127 -9.09 7.70 1.77
CA ALA A 127 -8.62 7.11 3.03
C ALA A 127 -7.51 7.98 3.60
N GLY A 128 -7.53 8.14 4.93
CA GLY A 128 -6.53 8.93 5.61
C GLY A 128 -6.61 10.40 5.25
N ALA A 129 -7.80 10.86 4.92
CA ALA A 129 -8.00 12.26 4.54
C ALA A 129 -7.61 13.14 5.71
N ASN A 130 -7.67 12.59 6.92
CA ASN A 130 -7.32 13.33 8.14
C ASN A 130 -5.87 13.19 8.58
N ILE A 131 -5.05 12.63 7.71
CA ILE A 131 -3.64 12.39 8.00
C ILE A 131 -2.73 13.26 7.10
N THR A 132 -1.81 13.98 7.73
CA THR A 132 -0.80 14.73 7.02
C THR A 132 0.38 13.81 6.77
N PRO A 133 0.68 13.53 5.48
CA PRO A 133 1.75 12.56 5.31
C PRO A 133 3.11 13.11 5.69
N ARG A 134 4.04 12.21 5.96
CA ARG A 134 5.44 12.56 6.15
C ARG A 134 6.02 13.20 4.88
N GLU A 135 6.95 14.13 5.04
CA GLU A 135 7.58 14.74 3.87
C GLU A 135 8.73 13.85 3.43
N GLY A 136 8.76 13.55 2.13
CA GLY A 136 9.78 12.67 1.60
C GLY A 136 10.96 13.51 1.19
N ASP A 137 12.14 12.91 1.19
CA ASP A 137 13.33 13.64 0.82
C ASP A 137 13.61 13.46 -0.65
N GLU A 138 14.89 13.68 -0.96
CA GLU A 138 15.44 13.69 -2.31
C GLU A 138 15.04 12.45 -3.13
N LEU A 139 15.14 11.29 -2.52
CA LEU A 139 14.96 10.02 -3.24
C LEU A 139 13.56 9.42 -3.10
N ALA A 140 12.70 10.00 -2.28
CA ALA A 140 11.36 9.44 -2.07
C ALA A 140 10.43 9.69 -3.26
N ARG A 141 10.72 9.01 -4.37
CA ARG A 141 9.97 9.18 -5.59
C ARG A 141 8.58 8.62 -5.39
N LEU A 142 7.66 8.97 -6.29
CA LEU A 142 6.35 8.37 -6.25
C LEU A 142 6.49 6.86 -6.43
N PRO A 143 5.96 6.09 -5.49
CA PRO A 143 5.98 4.63 -5.66
C PRO A 143 4.86 4.19 -6.56
N TYR A 144 4.91 2.96 -7.03
CA TYR A 144 3.76 2.41 -7.71
C TYR A 144 3.39 1.06 -7.15
N LEU A 145 2.31 0.49 -7.67
CA LEU A 145 1.78 -0.76 -7.12
C LEU A 145 2.59 -1.92 -7.67
N ARG A 146 3.35 -2.57 -6.81
CA ARG A 146 4.14 -3.74 -7.20
C ARG A 146 3.26 -4.96 -7.42
N THR A 147 2.41 -5.24 -6.44
CA THR A 147 1.42 -6.29 -6.63
C THR A 147 0.28 -6.11 -5.66
N TRP A 148 -0.78 -6.86 -5.86
CA TRP A 148 -1.93 -6.79 -4.97
C TRP A 148 -2.71 -8.08 -5.11
N PHE A 149 -3.55 -8.33 -4.14
CA PHE A 149 -4.51 -9.44 -4.19
C PHE A 149 -5.62 -9.15 -3.21
N ARG A 150 -6.70 -9.91 -3.29
CA ARG A 150 -7.76 -9.78 -2.32
C ARG A 150 -8.09 -11.13 -1.71
N THR A 151 -8.51 -11.06 -0.46
CA THR A 151 -9.05 -12.22 0.22
C THR A 151 -10.53 -11.94 0.54
N ARG A 152 -11.19 -12.87 1.23
CA ARG A 152 -12.54 -12.60 1.70
C ARG A 152 -12.61 -11.40 2.63
N SER A 153 -11.58 -11.17 3.44
CA SER A 153 -11.66 -10.10 4.43
C SER A 153 -10.95 -8.77 4.06
N ALA A 154 -10.06 -8.79 3.08
CA ALA A 154 -9.21 -7.62 2.89
C ALA A 154 -8.65 -7.50 1.48
N ILE A 155 -8.21 -6.30 1.09
CA ILE A 155 -7.37 -6.12 -0.10
C ILE A 155 -5.95 -5.80 0.39
N ILE A 156 -4.98 -6.41 -0.25
CA ILE A 156 -3.58 -6.30 0.12
C ILE A 156 -2.86 -5.60 -1.03
N LEU A 157 -2.22 -4.48 -0.71
CA LEU A 157 -1.60 -3.62 -1.69
C LEU A 157 -0.13 -3.45 -1.35
N HIS A 158 0.74 -3.86 -2.23
CA HIS A 158 2.19 -3.79 -2.00
C HIS A 158 2.82 -2.76 -2.94
N LEU A 159 3.38 -1.70 -2.36
CA LEU A 159 4.01 -0.62 -3.14
C LEU A 159 5.51 -0.84 -3.32
N SER A 160 6.05 -0.19 -4.34
CA SER A 160 7.44 -0.35 -4.72
C SER A 160 8.44 0.26 -3.77
N ASN A 161 7.97 1.05 -2.82
CA ASN A 161 8.80 1.54 -1.71
C ASN A 161 8.89 0.59 -0.57
N GLY A 162 8.25 -0.58 -0.71
CA GLY A 162 8.31 -1.60 0.33
C GLY A 162 7.09 -1.65 1.21
N SER A 163 6.32 -0.58 1.20
CA SER A 163 5.13 -0.55 2.06
C SER A 163 4.09 -1.61 1.66
N VAL A 164 3.41 -2.15 2.65
CA VAL A 164 2.30 -3.07 2.45
C VAL A 164 1.08 -2.52 3.20
N GLN A 165 -0.01 -2.35 2.47
CA GLN A 165 -1.23 -1.81 3.01
C GLN A 165 -2.31 -2.89 2.93
N ILE A 166 -3.03 -3.04 4.05
CA ILE A 166 -4.12 -4.01 4.13
C ILE A 166 -5.37 -3.28 4.59
N ASN A 167 -6.39 -3.26 3.73
CA ASN A 167 -7.65 -2.62 3.99
C ASN A 167 -8.70 -3.71 4.24
N PHE A 168 -9.35 -3.68 5.40
CA PHE A 168 -10.34 -4.69 5.76
C PHE A 168 -11.73 -4.25 5.35
N PHE A 169 -12.40 -5.08 4.56
CA PHE A 169 -13.69 -4.72 4.02
C PHE A 169 -14.78 -4.54 5.08
N GLN A 170 -14.81 -5.45 6.04
CA GLN A 170 -15.93 -5.56 6.99
C GLN A 170 -16.11 -4.30 7.85
N ASP A 171 -15.02 -3.79 8.37
CA ASP A 171 -15.07 -2.75 9.40
C ASP A 171 -14.29 -1.50 8.99
N HIS A 172 -13.74 -1.53 7.77
CA HIS A 172 -13.06 -0.37 7.20
C HIS A 172 -11.77 -0.01 7.91
N THR A 173 -11.25 -0.93 8.73
CA THR A 173 -9.97 -0.70 9.39
C THR A 173 -8.85 -0.96 8.38
N LYS A 174 -7.70 -0.30 8.59
CA LYS A 174 -6.58 -0.38 7.65
C LYS A 174 -5.26 -0.41 8.35
N LEU A 175 -4.33 -1.14 7.77
CA LEU A 175 -2.95 -1.16 8.21
C LEU A 175 -2.05 -0.63 7.08
N ILE A 176 -1.08 0.20 7.43
CA ILE A 176 -0.02 0.56 6.49
C ILE A 176 1.30 0.21 7.16
N LEU A 177 2.01 -0.76 6.60
CA LEU A 177 3.26 -1.30 7.15
C LEU A 177 4.45 -0.81 6.32
N CYS A 178 5.48 -0.29 6.95
CA CYS A 178 6.63 0.18 6.25
C CYS A 178 7.87 -0.47 6.80
N PRO A 179 8.62 -1.17 5.95
CA PRO A 179 9.79 -1.90 6.44
C PRO A 179 11.04 -1.01 6.58
N LEU A 180 10.96 0.23 6.13
CA LEU A 180 12.05 1.19 6.28
C LEU A 180 11.95 1.88 7.64
N MET A 181 10.76 2.36 7.98
CA MET A 181 10.46 2.88 9.30
C MET A 181 10.37 1.72 10.30
N ALA A 182 10.18 0.49 9.82
CA ALA A 182 9.83 -0.64 10.70
C ALA A 182 8.65 -0.25 11.61
N ALA A 183 7.57 0.21 10.97
CA ALA A 183 6.46 0.80 11.67
C ALA A 183 5.16 0.32 11.07
N VAL A 184 4.07 0.48 11.81
CA VAL A 184 2.73 0.19 11.31
C VAL A 184 1.83 1.31 11.72
N THR A 185 1.01 1.77 10.77
CA THR A 185 -0.05 2.72 11.02
C THR A 185 -1.37 1.99 10.95
N TYR A 186 -2.18 2.19 11.99
CA TYR A 186 -3.46 1.52 12.09
C TYR A 186 -4.53 2.59 12.06
N ILE A 187 -5.47 2.44 11.14
CA ILE A 187 -6.62 3.35 11.03
C ILE A 187 -7.79 2.56 11.48
N ASP A 188 -8.47 3.05 12.54
CA ASP A 188 -9.51 2.23 13.17
C ASP A 188 -10.86 2.55 12.53
N GLU A 189 -11.93 1.94 13.05
CA GLU A 189 -13.28 2.10 12.47
C GLU A 189 -13.80 3.53 12.57
N LYS A 190 -13.31 4.29 13.53
CA LYS A 190 -13.65 5.69 13.69
C LYS A 190 -12.77 6.62 12.84
N ARG A 191 -11.87 6.01 12.06
CA ARG A 191 -10.90 6.71 11.21
C ARG A 191 -9.80 7.40 12.02
N ASP A 192 -9.73 7.11 13.32
CA ASP A 192 -8.62 7.61 14.09
C ASP A 192 -7.42 6.80 13.69
N PHE A 193 -6.26 7.43 13.69
CA PHE A 193 -5.08 6.73 13.26
C PHE A 193 -3.96 6.87 14.27
N ARG A 194 -3.14 5.83 14.34
CA ARG A 194 -1.95 5.84 15.16
C ARG A 194 -0.82 5.14 14.39
N THR A 195 0.40 5.62 14.56
CA THR A 195 1.57 4.96 14.02
C THR A 195 2.46 4.44 15.14
N TYR A 196 2.95 3.22 14.96
CA TYR A 196 3.71 2.52 15.99
C TYR A 196 5.00 1.99 15.42
N ARG A 197 6.07 2.11 16.20
CA ARG A 197 7.26 1.41 15.83
C ARG A 197 7.11 -0.02 16.27
N LEU A 198 7.40 -0.96 15.37
CA LEU A 198 7.16 -2.36 15.64
C LEU A 198 7.96 -2.88 16.84
N SER A 199 9.18 -2.36 17.01
CA SER A 199 10.06 -2.79 18.12
C SER A 199 9.47 -2.32 19.42
N LEU A 200 8.87 -1.14 19.42
CA LEU A 200 8.21 -0.65 20.64
C LEU A 200 6.93 -1.42 20.94
N LEU A 201 6.23 -1.93 19.94
CA LEU A 201 5.09 -2.81 20.21
C LEU A 201 5.58 -4.10 20.87
N GLU A 202 6.73 -4.57 20.45
CA GLU A 202 7.29 -5.76 21.05
C GLU A 202 7.65 -5.46 22.49
N GLU A 203 8.19 -4.26 22.75
CA GLU A 203 8.59 -3.90 24.12
C GLU A 203 7.37 -3.72 25.04
N TYR A 204 6.43 -2.90 24.59
CA TYR A 204 5.32 -2.41 25.42
C TYR A 204 4.00 -3.14 25.29
N GLY A 205 3.83 -3.91 24.22
CA GLY A 205 2.59 -4.60 23.96
C GLY A 205 1.54 -3.74 23.26
N CYS A 206 0.39 -4.35 23.03
CA CYS A 206 -0.76 -3.63 22.51
C CYS A 206 -2.06 -4.40 22.75
N CYS A 207 -3.17 -3.74 22.41
CA CYS A 207 -4.52 -4.29 22.54
C CYS A 207 -4.76 -5.48 21.62
N LYS A 208 -5.80 -6.24 21.94
CA LYS A 208 -6.16 -7.42 21.17
C LYS A 208 -6.49 -7.08 19.72
N GLU A 209 -7.11 -5.93 19.49
CA GLU A 209 -7.54 -5.51 18.15
C GLU A 209 -6.34 -5.40 17.22
N LEU A 210 -5.37 -4.60 17.65
CA LEU A 210 -4.15 -4.43 16.87
C LEU A 210 -3.35 -5.72 16.77
N ALA A 211 -3.25 -6.48 17.86
CA ALA A 211 -2.46 -7.71 17.82
C ALA A 211 -3.02 -8.68 16.78
N SER A 212 -4.35 -8.78 16.69
CA SER A 212 -4.99 -9.69 15.74
C SER A 212 -4.73 -9.26 14.31
N ARG A 213 -4.76 -7.96 14.12
CA ARG A 213 -4.53 -7.47 12.78
C ARG A 213 -3.09 -7.70 12.37
N LEU A 214 -2.16 -7.59 13.32
CA LEU A 214 -0.74 -7.84 12.99
C LEU A 214 -0.50 -9.32 12.69
N ARG A 215 -1.25 -10.22 13.34
CA ARG A 215 -1.16 -11.62 12.97
C ARG A 215 -1.65 -11.82 11.53
N TYR A 216 -2.76 -11.18 11.17
CA TYR A 216 -3.23 -11.29 9.79
C TYR A 216 -2.18 -10.71 8.83
N ALA A 217 -1.58 -9.60 9.21
CA ALA A 217 -0.60 -8.94 8.34
C ALA A 217 0.58 -9.88 8.06
N ARG A 218 1.03 -10.63 9.07
CA ARG A 218 2.12 -11.55 8.84
C ARG A 218 1.74 -12.62 7.80
N THR A 219 0.52 -13.16 7.92
CA THR A 219 0.03 -14.16 6.98
C THR A 219 0.04 -13.59 5.54
N MET A 220 -0.39 -12.35 5.41
CA MET A 220 -0.42 -11.71 4.11
C MET A 220 0.97 -11.48 3.52
N VAL A 221 1.90 -11.07 4.36
CA VAL A 221 3.28 -10.82 3.95
C VAL A 221 3.97 -12.13 3.53
N ASP A 222 3.69 -13.22 4.23
CA ASP A 222 4.19 -14.52 3.79
C ASP A 222 3.64 -14.81 2.39
N LYS A 223 2.39 -14.46 2.14
CA LYS A 223 1.80 -14.70 0.79
C LYS A 223 2.50 -13.87 -0.29
N LEU A 224 2.73 -12.59 -0.01
CA LEU A 224 3.47 -11.74 -0.92
C LEU A 224 4.85 -12.28 -1.19
N LEU A 225 5.59 -12.64 -0.14
CA LEU A 225 6.94 -13.14 -0.28
C LEU A 225 6.96 -14.42 -1.13
N SER A 226 6.01 -15.31 -0.94
CA SER A 226 6.04 -16.57 -1.70
C SER A 226 5.81 -16.27 -3.17
N SER A 227 4.88 -15.37 -3.48
CA SER A 227 4.66 -14.99 -4.88
C SER A 227 5.90 -14.37 -5.45
N ARG A 228 6.52 -13.47 -4.70
CA ARG A 228 7.70 -12.77 -5.20
C ARG A 228 8.81 -13.78 -5.48
N SER A 229 8.97 -14.75 -4.59
CA SER A 229 9.99 -15.77 -4.75
C SER A 229 9.71 -16.57 -6.01
N ALA A 230 8.44 -16.90 -6.22
CA ALA A 230 8.01 -17.69 -7.38
C ALA A 230 8.33 -16.98 -8.67
N SER A 231 8.01 -15.69 -8.76
CA SER A 231 8.28 -14.93 -9.97
C SER A 231 9.77 -14.69 -10.18
N ASN A 232 10.55 -14.62 -9.11
CA ASN A 232 12.01 -14.50 -9.25
C ASN A 232 12.62 -15.79 -9.76
N ARG A 233 12.09 -16.94 -9.30
CA ARG A 233 12.56 -18.24 -9.74
C ARG A 233 12.33 -18.40 -11.25
N LEU A 234 11.13 -17.99 -11.69
CA LEU A 234 10.77 -18.04 -13.10
C LEU A 234 11.69 -17.11 -13.89
N LYS A 235 11.97 -15.94 -13.33
CA LYS A 235 12.71 -14.90 -14.02
C LYS A 235 14.17 -15.31 -14.20
N ALA A 236 14.69 -16.03 -13.21
CA ALA A 236 16.05 -16.54 -13.24
C ALA A 236 16.06 -17.83 -14.03
N SER A 237 14.92 -18.12 -14.65
CA SER A 237 14.70 -19.34 -15.40
C SER A 237 14.80 -20.56 -14.49
C ACE B 1 -15.90 -4.63 -4.56
O ACE B 1 -14.58 -4.88 -4.17
CH3 ACE B 1 -16.81 -5.15 -3.44
N LEU B 2 -16.16 -4.00 -5.68
CA LEU B 2 -15.09 -3.84 -6.66
C LEU B 2 -14.43 -2.48 -6.53
N HIS B 3 -14.67 -1.81 -5.41
CA HIS B 3 -14.05 -0.52 -5.20
C HIS B 3 -13.96 -0.21 -3.70
N SER B 4 -13.08 0.71 -3.39
CA SER B 4 -12.89 1.22 -2.04
C SER B 4 -14.13 2.04 -1.55
N TPO B 5 -14.17 2.47 -0.29
CA TPO B 5 -15.25 3.05 0.22
CB TPO B 5 -14.96 3.26 1.72
CG2 TPO B 5 -16.16 3.86 2.47
OG1 TPO B 5 -14.66 2.04 2.36
P TPO B 5 -13.13 1.82 2.90
O1P TPO B 5 -13.18 0.48 3.48
O2P TPO B 5 -12.83 2.90 3.85
O3P TPO B 5 -12.21 1.82 1.73
C TPO B 5 -15.75 4.16 -0.42
O TPO B 5 -15.01 5.09 -0.67
H TPO B 5 -13.38 2.36 0.32
HA TPO B 5 -16.09 2.47 0.57
HB TPO B 5 -14.13 3.93 1.82
HG21 TPO B 5 -15.86 4.13 3.48
HG22 TPO B 5 -16.96 3.13 2.51
HG23 TPO B 5 -16.50 4.75 1.95
N ALA B 6 -17.06 4.18 -0.68
CA ALA B 6 -17.66 5.30 -1.42
C ALA B 6 -18.28 6.41 -0.58
N NH2 B 7 -18.37 7.72 -1.20
#